data_5I1E
#
_entry.id   5I1E
#
_cell.length_a   89.380
_cell.length_b   89.380
_cell.length_c   212.380
_cell.angle_alpha   90.00
_cell.angle_beta   90.00
_cell.angle_gamma   120.00
#
_symmetry.space_group_name_H-M   'P 65 2 2'
#
loop_
_entity.id
_entity.type
_entity.pdbx_description
1 polymer 'FAB LIGHT CHAIN'
2 polymer 'FAB HEAVY CHAIN'
3 non-polymer 'SULFATE ION'
4 non-polymer GLYCEROL
5 water water
#
loop_
_entity_poly.entity_id
_entity_poly.type
_entity_poly.pdbx_seq_one_letter_code
_entity_poly.pdbx_strand_id
1 'polypeptide(L)'
;DIQMTQSPSSLSASVGDRVTITCRASQSISSYLNWYQQKPGKAPKLLIYAASSLQSGVPSRFSGSGSGTDFTLTISSLQP
EDFATYYCQQSYSTPLTFGQGTKVEIKRTVAAPSVFIFPPSDEQLKSGTASVVCLLNNFYPREAKVQWKVDNALQSGNSQ
ESVTEQDSKDSTYSLSSTLTLSKADYEKHKVYACEVTHQGLSSPVTKSFNRGEC
;
L
2 'polypeptide(L)'
;EVQLVETGGGLIQPGGSLRLSCAASGFTVSSNYMSWVRQAPGKGLEWVSVIYSGGSTYYADSVKGRFTISRDNSKNTLYL
QMNSLRAEDTAVYYCARYDGIYGELDFWGQGTLVTVSSASTKGPSVFPLAPSSKSTSGGTAALGCLVKDYFPEPVTVSWN
SGALTSGVHTFPAVLQSSGLYSLSSVVTVPSSSLGTQTYICNVNHKPSNTKVDKKVEPKSCHHHHHH
;
H
#
loop_
_chem_comp.id
_chem_comp.type
_chem_comp.name
_chem_comp.formula
GOL non-polymer GLYCEROL 'C3 H8 O3'
SO4 non-polymer 'SULFATE ION' 'O4 S -2'
#
# COMPACT_ATOMS: atom_id res chain seq x y z
N ASP A 1 0.89 5.76 -27.16
CA ASP A 1 1.02 6.59 -28.39
C ASP A 1 0.02 7.76 -28.41
N ILE A 2 -1.04 7.64 -27.61
CA ILE A 2 -1.81 8.80 -27.15
C ILE A 2 -1.43 9.05 -25.68
N GLN A 3 -0.82 10.20 -25.40
CA GLN A 3 -0.38 10.50 -24.05
C GLN A 3 -1.46 11.23 -23.27
N MET A 4 -1.62 10.84 -22.01
CA MET A 4 -2.60 11.43 -21.12
C MET A 4 -1.87 12.19 -20.03
N THR A 5 -2.11 13.49 -19.96
CA THR A 5 -1.48 14.32 -18.95
C THR A 5 -2.52 14.87 -17.99
N GLN A 6 -2.35 14.53 -16.72
CA GLN A 6 -3.25 14.97 -15.66
C GLN A 6 -2.67 16.15 -14.88
N SER A 7 -3.54 17.02 -14.41
CA SER A 7 -3.13 18.07 -13.50
C SER A 7 -4.22 18.36 -12.47
N PRO A 8 -3.82 18.66 -11.23
CA PRO A 8 -2.45 18.61 -10.75
C PRO A 8 -2.03 17.14 -10.59
N SER A 9 -0.78 16.90 -10.21
CA SER A 9 -0.37 15.53 -9.90
C SER A 9 -0.56 15.24 -8.40
N SER A 10 -0.71 16.31 -7.63
CA SER A 10 -0.91 16.22 -6.19
C SER A 10 -1.91 17.29 -5.77
N LEU A 11 -2.90 16.90 -4.97
CA LEU A 11 -3.93 17.84 -4.51
C LEU A 11 -4.22 17.61 -3.04
N SER A 12 -4.41 18.69 -2.30
CA SER A 12 -4.68 18.64 -0.87
C SER A 12 -5.92 19.48 -0.58
N ALA A 13 -6.99 18.84 -0.15
CA ALA A 13 -8.27 19.51 0.02
C ALA A 13 -8.99 18.95 1.23
N SER A 14 -9.84 19.78 1.85
CA SER A 14 -10.55 19.41 3.07
C SER A 14 -11.91 18.79 2.77
N VAL A 15 -12.47 18.10 3.76
CA VAL A 15 -13.84 17.63 3.68
C VAL A 15 -14.81 18.78 3.35
N GLY A 16 -15.71 18.51 2.41
CA GLY A 16 -16.68 19.50 1.94
C GLY A 16 -16.23 20.32 0.75
N ASP A 17 -14.96 20.26 0.41
CA ASP A 17 -14.45 21.03 -0.74
C ASP A 17 -14.84 20.38 -2.07
N ARG A 18 -15.05 21.20 -3.09
CA ARG A 18 -15.21 20.71 -4.44
C ARG A 18 -13.80 20.48 -4.99
N VAL A 19 -13.54 19.27 -5.45
CA VAL A 19 -12.24 18.90 -6.00
C VAL A 19 -12.36 18.71 -7.51
N THR A 20 -11.47 19.34 -8.26
CA THR A 20 -11.49 19.28 -9.72
C THR A 20 -10.13 18.91 -10.30
N ILE A 21 -10.09 17.76 -10.98
CA ILE A 21 -8.88 17.20 -11.56
C ILE A 21 -8.99 17.25 -13.08
N THR A 22 -7.88 17.54 -13.73
CA THR A 22 -7.87 17.68 -15.18
C THR A 22 -7.08 16.53 -15.81
N CYS A 23 -7.50 16.12 -17.00
CA CYS A 23 -6.80 15.13 -17.81
C CYS A 23 -6.88 15.58 -19.26
N ARG A 24 -5.72 15.67 -19.89
CA ARG A 24 -5.66 16.12 -21.27
C ARG A 24 -5.03 15.03 -22.14
N ALA A 25 -5.71 14.71 -23.23
CA ALA A 25 -5.18 13.78 -24.23
C ALA A 25 -4.35 14.52 -25.26
N SER A 26 -3.29 13.88 -25.75
CA SER A 26 -2.40 14.45 -26.77
C SER A 26 -3.07 14.58 -28.17
N GLN A 27 -4.15 13.84 -28.37
CA GLN A 27 -4.99 13.97 -29.58
C GLN A 27 -6.43 13.54 -29.29
N SER A 28 -7.38 14.14 -30.00
CA SER A 28 -8.82 13.88 -29.80
C SER A 28 -9.15 12.40 -29.59
N ILE A 29 -10.00 12.12 -28.60
CA ILE A 29 -10.38 10.74 -28.24
C ILE A 29 -11.87 10.61 -27.94
N SER A 30 -12.64 11.58 -28.43
CA SER A 30 -14.10 11.59 -28.32
C SER A 30 -14.57 11.48 -26.87
N SER A 31 -15.27 10.39 -26.56
CA SER A 31 -15.80 10.17 -25.22
C SER A 31 -15.19 8.92 -24.60
N TYR A 32 -14.20 8.36 -25.29
CA TYR A 32 -13.51 7.15 -24.81
C TYR A 32 -12.44 7.56 -23.80
N LEU A 33 -12.90 7.76 -22.57
CA LEU A 33 -12.10 8.29 -21.48
C LEU A 33 -12.76 7.82 -20.21
N ASN A 34 -12.01 7.11 -19.39
CA ASN A 34 -12.55 6.58 -18.15
C ASN A 34 -11.76 7.08 -16.96
N TRP A 35 -12.35 7.02 -15.76
CA TRP A 35 -11.69 7.46 -14.53
C TRP A 35 -11.70 6.40 -13.42
N TYR A 36 -10.55 6.21 -12.78
CA TYR A 36 -10.40 5.21 -11.73
C TYR A 36 -9.93 5.84 -10.43
N GLN A 37 -10.41 5.29 -9.31
CA GLN A 37 -9.94 5.62 -7.99
C GLN A 37 -9.17 4.43 -7.42
N GLN A 38 -7.90 4.65 -7.09
CA GLN A 38 -7.07 3.61 -6.49
C GLN A 38 -6.59 3.97 -5.08
N LYS A 39 -7.15 3.32 -4.06
CA LYS A 39 -6.57 3.39 -2.73
C LYS A 39 -5.35 2.47 -2.75
N PRO A 40 -4.28 2.80 -2.00
CA PRO A 40 -3.01 2.08 -2.21
C PRO A 40 -3.09 0.64 -1.67
N GLY A 41 -2.43 -0.28 -2.36
CA GLY A 41 -2.55 -1.72 -2.06
C GLY A 41 -3.93 -2.28 -2.35
N LYS A 42 -4.55 -1.75 -3.42
CA LYS A 42 -5.88 -2.18 -3.85
C LYS A 42 -6.04 -1.97 -5.36
N ALA A 43 -6.96 -2.71 -5.97
CA ALA A 43 -7.22 -2.56 -7.39
C ALA A 43 -7.92 -1.24 -7.67
N PRO A 44 -7.49 -0.53 -8.73
CA PRO A 44 -8.28 0.58 -9.20
C PRO A 44 -9.75 0.21 -9.30
N LYS A 45 -10.61 1.11 -8.86
CA LYS A 45 -12.05 0.96 -8.96
C LYS A 45 -12.48 1.93 -10.06
N LEU A 46 -13.30 1.48 -11.00
CA LEU A 46 -13.82 2.37 -12.05
C LEU A 46 -14.90 3.31 -11.51
N LEU A 47 -14.77 4.60 -11.82
CA LEU A 47 -15.68 5.61 -11.32
C LEU A 47 -16.59 6.14 -12.41
N ILE A 48 -15.98 6.47 -13.54
CA ILE A 48 -16.69 7.03 -14.69
C ILE A 48 -16.27 6.27 -15.92
N TYR A 49 -17.24 5.88 -16.74
CA TYR A 49 -16.95 5.36 -18.08
C TYR A 49 -17.53 6.30 -19.11
N ALA A 50 -16.96 6.28 -20.31
CA ALA A 50 -17.39 7.13 -21.42
C ALA A 50 -17.52 8.61 -21.06
N ALA A 51 -16.45 9.15 -20.48
CA ALA A 51 -16.35 10.57 -20.09
C ALA A 51 -17.25 11.02 -18.92
N SER A 52 -18.55 10.73 -19.02
CA SER A 52 -19.56 11.32 -18.13
C SER A 52 -20.55 10.36 -17.48
N SER A 53 -20.38 9.06 -17.70
CA SER A 53 -21.33 8.10 -17.16
C SER A 53 -20.79 7.48 -15.88
N LEU A 54 -21.55 7.60 -14.80
CA LEU A 54 -21.22 7.01 -13.51
C LEU A 54 -21.26 5.50 -13.55
N GLN A 55 -20.32 4.86 -12.86
CA GLN A 55 -20.35 3.42 -12.73
C GLN A 55 -21.40 3.02 -11.70
N SER A 56 -21.71 1.73 -11.65
CA SER A 56 -22.68 1.15 -10.72
C SER A 56 -22.21 1.31 -9.27
N GLY A 57 -23.03 1.98 -8.47
CA GLY A 57 -22.79 2.08 -7.03
C GLY A 57 -21.68 3.06 -6.65
N VAL A 58 -21.34 3.95 -7.57
CA VAL A 58 -20.41 5.05 -7.30
C VAL A 58 -21.23 6.29 -6.91
N PRO A 59 -20.93 6.86 -5.73
CA PRO A 59 -21.71 7.98 -5.19
C PRO A 59 -21.80 9.14 -6.17
N SER A 60 -22.93 9.84 -6.15
CA SER A 60 -23.20 10.90 -7.13
C SER A 60 -22.28 12.12 -6.98
N ARG A 61 -21.49 12.16 -5.91
CA ARG A 61 -20.52 13.24 -5.72
C ARG A 61 -19.38 13.18 -6.73
N PHE A 62 -19.17 12.01 -7.31
CA PHE A 62 -18.24 11.87 -8.43
C PHE A 62 -19.01 12.11 -9.70
N SER A 63 -18.36 12.78 -10.64
CA SER A 63 -18.95 13.06 -11.93
C SER A 63 -17.86 13.47 -12.91
N GLY A 64 -18.06 13.19 -14.19
CA GLY A 64 -17.09 13.50 -15.21
C GLY A 64 -17.68 14.33 -16.33
N SER A 65 -16.79 15.00 -17.05
CA SER A 65 -17.20 15.94 -18.07
C SER A 65 -16.09 16.07 -19.12
N GLY A 66 -16.49 16.30 -20.36
CA GLY A 66 -15.56 16.52 -21.44
C GLY A 66 -15.73 15.59 -22.62
N SER A 67 -15.06 15.95 -23.71
CA SER A 67 -15.02 15.16 -24.94
C SER A 67 -13.95 15.78 -25.83
N GLY A 68 -13.17 14.95 -26.51
CA GLY A 68 -12.11 15.44 -27.39
C GLY A 68 -10.75 15.30 -26.72
N THR A 69 -10.19 16.43 -26.25
CA THR A 69 -8.89 16.39 -25.58
C THR A 69 -8.88 16.81 -24.09
N ASP A 70 -9.86 17.59 -23.66
CA ASP A 70 -9.90 18.08 -22.28
C ASP A 70 -10.99 17.44 -21.42
N PHE A 71 -10.58 16.80 -20.33
CA PHE A 71 -11.51 16.11 -19.45
C PHE A 71 -11.30 16.54 -18.01
N THR A 72 -12.37 16.50 -17.22
CA THR A 72 -12.31 16.80 -15.80
C THR A 72 -13.08 15.76 -14.98
N LEU A 73 -12.49 15.34 -13.87
CA LEU A 73 -13.21 14.60 -12.83
C LEU A 73 -13.45 15.56 -11.66
N THR A 74 -14.63 15.48 -11.09
CA THR A 74 -15.02 16.35 -10.00
C THR A 74 -15.54 15.53 -8.84
N ILE A 75 -15.04 15.84 -7.65
CA ILE A 75 -15.67 15.40 -6.42
C ILE A 75 -16.36 16.63 -5.83
N SER A 76 -17.70 16.67 -5.96
CA SER A 76 -18.47 17.86 -5.60
C SER A 76 -18.35 18.26 -4.15
N SER A 77 -18.12 17.27 -3.29
CA SER A 77 -18.02 17.51 -1.86
C SER A 77 -17.15 16.42 -1.25
N LEU A 78 -15.88 16.74 -1.04
CA LEU A 78 -14.86 15.76 -0.65
C LEU A 78 -15.21 15.09 0.67
N GLN A 79 -14.90 13.80 0.77
CA GLN A 79 -15.16 13.04 2.00
C GLN A 79 -13.88 12.39 2.48
N PRO A 80 -13.81 12.06 3.80
CA PRO A 80 -12.55 11.54 4.34
C PRO A 80 -12.08 10.24 3.67
N GLU A 81 -13.01 9.37 3.26
CA GLU A 81 -12.63 8.12 2.58
C GLU A 81 -12.06 8.31 1.16
N ASP A 82 -12.22 9.51 0.58
CA ASP A 82 -11.89 9.77 -0.82
C ASP A 82 -10.41 10.01 -1.12
N PHE A 83 -9.54 9.87 -0.13
CA PHE A 83 -8.11 9.93 -0.43
C PHE A 83 -7.72 8.71 -1.28
N ALA A 84 -7.03 8.96 -2.39
CA ALA A 84 -6.65 7.93 -3.35
C ALA A 84 -5.83 8.59 -4.43
N THR A 85 -5.38 7.80 -5.40
CA THR A 85 -4.78 8.34 -6.60
C THR A 85 -5.78 8.13 -7.72
N TYR A 86 -6.04 9.16 -8.51
CA TYR A 86 -7.07 9.10 -9.52
C TYR A 86 -6.47 9.09 -10.91
N TYR A 87 -6.88 8.11 -11.72
CA TYR A 87 -6.33 7.96 -13.06
C TYR A 87 -7.37 8.19 -14.15
N CYS A 88 -6.94 8.87 -15.21
CA CYS A 88 -7.70 8.86 -16.44
C CYS A 88 -7.05 7.88 -17.41
N GLN A 89 -7.85 7.35 -18.33
CA GLN A 89 -7.40 6.28 -19.19
C GLN A 89 -8.21 6.33 -20.47
N GLN A 90 -7.51 6.48 -21.59
CA GLN A 90 -8.17 6.54 -22.88
C GLN A 90 -8.33 5.14 -23.48
N SER A 91 -9.46 4.92 -24.15
CA SER A 91 -9.76 3.62 -24.75
C SER A 91 -10.15 3.78 -26.22
N TYR A 92 -9.84 4.95 -26.77
CA TYR A 92 -10.10 5.28 -28.17
C TYR A 92 -9.24 4.46 -29.11
N SER A 93 -8.03 4.11 -28.66
CA SER A 93 -7.04 3.46 -29.52
C SER A 93 -6.03 2.67 -28.72
N THR A 94 -5.56 1.56 -29.30
CA THR A 94 -4.52 0.73 -28.70
C THR A 94 -3.16 1.39 -28.97
N PRO A 95 -2.23 1.34 -28.00
CA PRO A 95 -2.38 0.77 -26.65
C PRO A 95 -3.20 1.63 -25.70
N LEU A 96 -3.94 0.97 -24.80
CA LEU A 96 -4.54 1.65 -23.66
C LEU A 96 -3.45 2.43 -22.95
N THR A 97 -3.69 3.72 -22.75
CA THR A 97 -2.76 4.48 -21.95
C THR A 97 -3.48 5.09 -20.75
N PHE A 98 -2.74 5.21 -19.65
CA PHE A 98 -3.20 5.86 -18.44
C PHE A 98 -2.49 7.21 -18.29
N GLY A 99 -3.13 8.14 -17.58
CA GLY A 99 -2.44 9.33 -17.11
C GLY A 99 -1.56 8.93 -15.95
N GLN A 100 -0.69 9.84 -15.51
CA GLN A 100 0.28 9.55 -14.44
C GLN A 100 -0.38 9.51 -13.06
N GLY A 101 -1.59 10.04 -12.96
CA GLY A 101 -2.33 10.05 -11.70
C GLY A 101 -2.31 11.38 -10.96
N THR A 102 -3.36 11.60 -10.19
CA THR A 102 -3.47 12.73 -9.28
C THR A 102 -3.66 12.15 -7.89
N LYS A 103 -2.74 12.44 -6.99
CA LYS A 103 -2.85 11.96 -5.63
C LYS A 103 -3.62 13.02 -4.82
N VAL A 104 -4.81 12.64 -4.36
CA VAL A 104 -5.64 13.50 -3.52
C VAL A 104 -5.45 13.20 -2.04
N GLU A 105 -4.99 14.21 -1.31
CA GLU A 105 -4.84 14.12 0.14
C GLU A 105 -5.95 14.92 0.80
N ILE A 106 -6.42 14.46 1.95
CA ILE A 106 -7.44 15.16 2.73
C ILE A 106 -6.80 16.11 3.74
N LYS A 107 -7.05 17.41 3.57
CA LYS A 107 -6.60 18.43 4.51
C LYS A 107 -7.54 18.39 5.71
N ARG A 108 -6.97 18.26 6.90
CA ARG A 108 -7.74 18.44 8.14
C ARG A 108 -7.07 19.50 9.00
N THR A 109 -7.71 19.90 10.09
CA THR A 109 -7.12 20.84 11.04
C THR A 109 -5.97 20.17 11.80
N VAL A 110 -5.07 20.97 12.38
CA VAL A 110 -3.88 20.43 13.05
C VAL A 110 -4.25 19.42 14.15
N ALA A 111 -3.43 18.39 14.27
CA ALA A 111 -3.58 17.40 15.34
C ALA A 111 -2.18 16.94 15.74
N ALA A 112 -1.84 17.13 17.00
CA ALA A 112 -0.52 16.79 17.51
C ALA A 112 -0.37 15.29 17.73
N PRO A 113 0.85 14.76 17.57
CA PRO A 113 1.07 13.34 17.84
C PRO A 113 1.12 12.96 19.32
N SER A 114 0.70 11.74 19.60
CA SER A 114 0.97 11.08 20.88
C SER A 114 2.26 10.32 20.65
N VAL A 115 3.19 10.42 21.59
CA VAL A 115 4.50 9.83 21.38
C VAL A 115 4.72 8.71 22.37
N PHE A 116 4.98 7.53 21.83
CA PHE A 116 5.28 6.35 22.62
C PHE A 116 6.66 5.80 22.23
N ILE A 117 7.31 5.13 23.17
CA ILE A 117 8.64 4.58 22.90
C ILE A 117 8.78 3.13 23.41
N PHE A 118 9.38 2.29 22.57
CA PHE A 118 9.55 0.86 22.90
C PHE A 118 11.03 0.45 22.94
N PRO A 119 11.48 -0.03 24.11
CA PRO A 119 12.85 -0.54 24.19
C PRO A 119 12.92 -1.89 23.47
N PRO A 120 14.10 -2.22 22.90
CA PRO A 120 14.26 -3.51 22.24
C PRO A 120 13.94 -4.67 23.18
N SER A 121 13.22 -5.66 22.68
CA SER A 121 12.81 -6.82 23.47
C SER A 121 14.03 -7.60 23.95
N ASP A 122 13.86 -8.43 24.97
CA ASP A 122 14.95 -9.29 25.43
C ASP A 122 15.29 -10.33 24.36
N GLU A 123 14.27 -10.94 23.77
CA GLU A 123 14.42 -11.94 22.72
C GLU A 123 15.31 -11.46 21.56
N GLN A 124 15.18 -10.19 21.18
CA GLN A 124 15.97 -9.64 20.09
C GLN A 124 17.45 -9.48 20.44
N LEU A 125 17.71 -9.13 21.69
CA LEU A 125 19.08 -8.95 22.18
C LEU A 125 19.83 -10.28 22.26
N LYS A 126 19.09 -11.39 22.23
CA LYS A 126 19.62 -12.75 22.03
C LYS A 126 20.47 -12.84 20.75
N SER A 127 19.93 -12.32 19.65
CA SER A 127 20.57 -12.39 18.32
C SER A 127 21.52 -11.21 18.00
N GLY A 128 21.83 -10.39 19.01
CA GLY A 128 22.91 -9.41 18.91
C GLY A 128 22.64 -8.10 18.15
N THR A 129 21.38 -7.76 17.96
CA THR A 129 20.99 -6.45 17.40
C THR A 129 19.85 -5.84 18.21
N ALA A 130 19.88 -4.51 18.36
CA ALA A 130 18.85 -3.79 19.12
C ALA A 130 18.04 -2.85 18.24
N SER A 131 16.72 -3.02 18.29
CA SER A 131 15.82 -2.12 17.61
C SER A 131 14.95 -1.35 18.60
N VAL A 132 15.17 -0.04 18.67
CA VAL A 132 14.39 0.87 19.51
C VAL A 132 13.33 1.54 18.66
N VAL A 133 12.07 1.48 19.10
CA VAL A 133 10.97 2.00 18.30
C VAL A 133 10.25 3.18 18.95
N CYS A 134 10.25 4.31 18.22
CA CYS A 134 9.45 5.48 18.55
C CYS A 134 8.18 5.45 17.71
N LEU A 135 7.05 5.74 18.35
CA LEU A 135 5.78 5.78 17.64
C LEU A 135 5.15 7.15 17.82
N LEU A 136 4.71 7.75 16.72
CA LEU A 136 3.98 9.01 16.72
C LEU A 136 2.57 8.73 16.23
N ASN A 137 1.61 8.76 17.16
CA ASN A 137 0.28 8.24 16.90
C ASN A 137 -0.74 9.32 16.56
N ASN A 138 -1.46 9.09 15.46
CA ASN A 138 -2.62 9.88 15.03
C ASN A 138 -2.44 11.40 15.05
N PHE A 139 -1.75 11.90 14.03
CA PHE A 139 -1.43 13.32 13.91
C PHE A 139 -1.61 13.85 12.49
N TYR A 140 -1.67 15.18 12.38
CA TYR A 140 -1.71 15.87 11.09
C TYR A 140 -1.13 17.27 11.26
N PRO A 141 -0.37 17.75 10.27
CA PRO A 141 0.01 17.11 9.01
C PRO A 141 1.13 16.07 9.06
N ARG A 142 1.43 15.51 7.90
CA ARG A 142 2.37 14.40 7.73
C ARG A 142 3.78 14.71 8.21
N GLU A 143 4.20 15.96 8.06
CA GLU A 143 5.57 16.39 8.34
C GLU A 143 5.88 16.46 9.83
N ALA A 144 6.88 15.70 10.26
CA ALA A 144 7.34 15.69 11.62
C ALA A 144 8.84 15.47 11.63
N LYS A 145 9.52 16.05 12.61
CA LYS A 145 10.95 15.83 12.79
C LYS A 145 11.13 14.89 13.97
N VAL A 146 11.85 13.80 13.76
CA VAL A 146 12.10 12.83 14.82
C VAL A 146 13.61 12.66 15.00
N GLN A 147 14.13 13.22 16.09
CA GLN A 147 15.54 13.11 16.41
C GLN A 147 15.73 12.08 17.50
N TRP A 148 16.68 11.18 17.30
CA TRP A 148 17.05 10.20 18.31
C TRP A 148 18.28 10.71 19.08
N LYS A 149 18.22 10.62 20.41
CA LYS A 149 19.36 10.97 21.26
C LYS A 149 19.75 9.79 22.15
N VAL A 150 21.05 9.52 22.21
CA VAL A 150 21.56 8.44 23.05
C VAL A 150 22.54 9.04 24.07
N ASP A 151 22.22 8.89 25.36
CA ASP A 151 22.91 9.59 26.44
C ASP A 151 23.24 11.03 26.03
N ASN A 152 22.22 11.72 25.50
CA ASN A 152 22.32 13.08 24.95
C ASN A 152 22.98 13.25 23.57
N ALA A 153 23.64 12.21 23.08
CA ALA A 153 24.30 12.26 21.77
C ALA A 153 23.31 12.08 20.62
N LEU A 154 23.17 13.13 19.80
CA LEU A 154 22.27 13.10 18.64
C LEU A 154 22.73 12.08 17.60
N GLN A 155 21.80 11.24 17.15
CA GLN A 155 22.10 10.18 16.18
C GLN A 155 21.93 10.65 14.74
N SER A 156 22.66 10.00 13.83
CA SER A 156 22.60 10.34 12.41
C SER A 156 22.83 9.12 11.52
N GLY A 157 21.89 8.90 10.59
CA GLY A 157 21.99 7.84 9.60
C GLY A 157 21.76 6.41 10.06
N ASN A 158 21.23 6.23 11.27
CA ASN A 158 20.90 4.87 11.78
C ASN A 158 19.43 4.69 12.20
N SER A 159 18.56 5.55 11.65
CA SER A 159 17.13 5.45 11.87
C SER A 159 16.37 5.51 10.55
N GLN A 160 15.28 4.76 10.47
CA GLN A 160 14.41 4.74 9.29
C GLN A 160 12.98 5.05 9.71
N GLU A 161 12.28 5.82 8.87
CA GLU A 161 10.89 6.19 9.15
C GLU A 161 9.90 5.53 8.20
N SER A 162 8.70 5.27 8.73
CA SER A 162 7.59 4.77 7.93
C SER A 162 6.32 5.47 8.37
N VAL A 163 5.46 5.81 7.40
CA VAL A 163 4.22 6.53 7.69
C VAL A 163 3.03 5.77 7.14
N THR A 164 2.00 5.58 7.96
CA THR A 164 0.78 4.90 7.53
C THR A 164 -0.01 5.77 6.58
N GLU A 165 -0.84 5.13 5.76
CA GLU A 165 -1.79 5.84 4.93
C GLU A 165 -2.82 6.51 5.82
N GLN A 166 -3.49 7.51 5.27
CA GLN A 166 -4.39 8.38 6.03
C GLN A 166 -5.60 7.62 6.60
N ASP A 167 -5.86 7.79 7.90
CA ASP A 167 -7.06 7.23 8.54
C ASP A 167 -8.30 7.69 7.76
N SER A 168 -9.15 6.74 7.43
CA SER A 168 -10.25 7.00 6.49
C SER A 168 -11.44 7.71 7.13
N LYS A 169 -11.42 7.87 8.45
CA LYS A 169 -12.50 8.57 9.15
C LYS A 169 -12.07 9.94 9.66
N ASP A 170 -10.84 10.04 10.18
CA ASP A 170 -10.38 11.30 10.77
C ASP A 170 -9.17 11.96 10.10
N SER A 171 -8.64 11.33 9.05
CA SER A 171 -7.59 11.89 8.17
C SER A 171 -6.18 12.06 8.79
N THR A 172 -5.95 11.48 9.96
CA THR A 172 -4.65 11.60 10.62
C THR A 172 -3.68 10.52 10.15
N TYR A 173 -2.39 10.72 10.45
CA TYR A 173 -1.33 9.77 10.16
C TYR A 173 -0.75 9.22 11.46
N SER A 174 -0.04 8.10 11.33
CA SER A 174 0.85 7.60 12.37
C SER A 174 2.19 7.38 11.73
N LEU A 175 3.23 7.44 12.54
CA LEU A 175 4.60 7.32 12.06
C LEU A 175 5.42 6.53 13.06
N SER A 176 6.23 5.61 12.56
CA SER A 176 7.20 4.93 13.39
C SER A 176 8.59 5.34 12.93
N SER A 177 9.47 5.57 13.90
CA SER A 177 10.90 5.73 13.66
C SER A 177 11.60 4.61 14.41
N THR A 178 12.47 3.89 13.71
CA THR A 178 13.21 2.79 14.32
C THR A 178 14.69 3.10 14.32
N LEU A 179 15.26 3.05 15.52
CA LEU A 179 16.71 3.17 15.69
C LEU A 179 17.27 1.76 15.71
N THR A 180 18.27 1.52 14.87
CA THR A 180 18.99 0.25 14.87
C THR A 180 20.42 0.44 15.37
N LEU A 181 20.73 -0.24 16.47
CA LEU A 181 22.08 -0.29 17.03
C LEU A 181 22.44 -1.75 17.32
N SER A 182 23.74 -2.04 17.30
CA SER A 182 24.23 -3.37 17.67
C SER A 182 24.09 -3.55 19.19
N LYS A 183 23.95 -4.79 19.65
CA LYS A 183 23.85 -5.07 21.09
C LYS A 183 24.99 -4.44 21.88
N ALA A 184 26.18 -4.41 21.26
CA ALA A 184 27.35 -3.74 21.83
C ALA A 184 27.06 -2.26 22.16
N ASP A 185 26.54 -1.52 21.18
CA ASP A 185 26.24 -0.10 21.36
C ASP A 185 25.09 0.15 22.31
N TYR A 186 24.14 -0.78 22.35
CA TYR A 186 22.97 -0.65 23.22
C TYR A 186 23.32 -0.84 24.69
N GLU A 187 24.18 -1.82 24.97
CA GLU A 187 24.54 -2.18 26.34
C GLU A 187 25.58 -1.23 26.94
N LYS A 188 26.17 -0.41 26.09
CA LYS A 188 27.18 0.57 26.52
C LYS A 188 26.64 2.00 26.65
N HIS A 189 25.32 2.13 26.78
CA HIS A 189 24.65 3.42 26.96
C HIS A 189 23.37 3.27 27.80
N LYS A 190 22.80 4.39 28.27
CA LYS A 190 21.70 4.33 29.25
C LYS A 190 20.39 4.99 28.83
N VAL A 191 20.47 6.24 28.40
CA VAL A 191 19.29 7.06 28.09
C VAL A 191 19.01 7.11 26.59
N TYR A 192 17.86 6.55 26.21
CA TYR A 192 17.43 6.50 24.81
C TYR A 192 16.22 7.39 24.60
N ALA A 193 16.42 8.45 23.84
CA ALA A 193 15.40 9.48 23.69
C ALA A 193 14.92 9.69 22.26
N CYS A 194 13.61 9.83 22.14
CA CYS A 194 12.96 10.24 20.91
C CYS A 194 12.49 11.69 21.07
N GLU A 195 12.97 12.60 20.23
CA GLU A 195 12.47 13.99 20.30
C GLU A 195 11.66 14.32 19.06
N VAL A 196 10.47 14.88 19.27
CA VAL A 196 9.49 15.07 18.21
C VAL A 196 9.09 16.54 18.05
N THR A 197 9.30 17.08 16.85
CA THR A 197 8.90 18.45 16.52
C THR A 197 7.76 18.42 15.50
N HIS A 198 6.63 18.99 15.87
CA HIS A 198 5.47 18.98 15.03
C HIS A 198 4.70 20.27 15.19
N GLN A 199 4.01 20.66 14.13
CA GLN A 199 3.24 21.90 14.08
C GLN A 199 2.20 22.02 15.20
N GLY A 200 1.59 20.91 15.60
CA GLY A 200 0.59 20.88 16.67
C GLY A 200 1.17 20.94 18.08
N LEU A 201 2.49 20.84 18.18
CA LEU A 201 3.17 20.95 19.46
C LEU A 201 3.73 22.35 19.64
N SER A 202 3.36 23.00 20.75
CA SER A 202 3.90 24.31 21.09
C SER A 202 5.43 24.30 21.17
N SER A 203 6.00 23.21 21.67
CA SER A 203 7.44 22.99 21.72
C SER A 203 7.73 21.52 21.46
N PRO A 204 8.96 21.17 21.06
CA PRO A 204 9.32 19.76 20.93
C PRO A 204 9.01 18.94 22.20
N VAL A 205 8.55 17.71 21.98
CA VAL A 205 8.21 16.78 23.04
C VAL A 205 9.23 15.64 23.00
N THR A 206 9.72 15.25 24.18
CA THR A 206 10.72 14.18 24.27
C THR A 206 10.18 12.99 25.05
N LYS A 207 10.26 11.81 24.44
CA LYS A 207 9.99 10.55 25.12
C LYS A 207 11.29 9.75 25.25
N SER A 208 11.51 9.18 26.43
CA SER A 208 12.71 8.40 26.68
C SER A 208 12.50 7.34 27.74
N PHE A 209 13.47 6.42 27.83
CA PHE A 209 13.51 5.40 28.86
C PHE A 209 15.00 5.20 29.23
N ASN A 210 15.23 4.49 30.34
CA ASN A 210 16.59 4.05 30.72
C ASN A 210 16.74 2.55 30.47
N ARG A 211 17.92 2.13 30.00
CA ARG A 211 18.18 0.71 29.77
C ARG A 211 18.14 -0.08 31.08
N GLU B 1 -22.59 -12.42 -7.60
CA GLU B 1 -21.86 -11.16 -7.91
C GLU B 1 -20.47 -11.47 -8.48
N VAL B 2 -19.95 -10.55 -9.30
CA VAL B 2 -18.71 -10.77 -10.05
C VAL B 2 -17.47 -10.80 -9.14
N GLN B 3 -16.54 -11.71 -9.47
CA GLN B 3 -15.24 -11.80 -8.81
C GLN B 3 -14.16 -12.10 -9.84
N LEU B 4 -12.92 -11.79 -9.51
CA LEU B 4 -11.75 -12.24 -10.26
C LEU B 4 -10.71 -12.61 -9.22
N VAL B 5 -10.32 -13.88 -9.17
CA VAL B 5 -9.34 -14.33 -8.17
C VAL B 5 -7.99 -14.63 -8.84
N GLU B 6 -6.94 -13.91 -8.41
CA GLU B 6 -5.61 -14.07 -9.00
C GLU B 6 -4.67 -14.93 -8.16
N THR B 7 -3.89 -15.77 -8.84
CA THR B 7 -2.87 -16.61 -8.22
C THR B 7 -1.67 -16.65 -9.15
N GLY B 8 -0.54 -17.09 -8.63
CA GLY B 8 0.65 -17.31 -9.44
C GLY B 8 1.81 -16.37 -9.20
N GLY B 9 1.55 -15.28 -8.48
CA GLY B 9 2.59 -14.30 -8.22
C GLY B 9 3.65 -14.84 -7.28
N GLY B 10 4.68 -14.03 -7.04
CA GLY B 10 5.73 -14.40 -6.11
C GLY B 10 7.11 -14.08 -6.63
N LEU B 11 8.10 -14.60 -5.92
CA LEU B 11 9.49 -14.38 -6.22
C LEU B 11 9.90 -15.29 -7.38
N ILE B 12 10.66 -14.73 -8.32
CA ILE B 12 11.12 -15.44 -9.51
C ILE B 12 12.49 -14.89 -9.97
N GLN B 13 13.44 -15.78 -10.25
CA GLN B 13 14.79 -15.40 -10.68
C GLN B 13 14.76 -14.64 -12.01
N PRO B 14 15.66 -13.67 -12.20
CA PRO B 14 15.70 -13.03 -13.53
C PRO B 14 15.97 -14.05 -14.63
N GLY B 15 15.30 -13.88 -15.77
CA GLY B 15 15.40 -14.81 -16.89
C GLY B 15 14.46 -15.99 -16.79
N GLY B 16 13.74 -16.08 -15.68
CA GLY B 16 12.82 -17.18 -15.44
C GLY B 16 11.44 -16.84 -15.97
N SER B 17 10.53 -17.78 -15.80
CA SER B 17 9.17 -17.62 -16.26
C SER B 17 8.14 -17.93 -15.16
N LEU B 18 6.95 -17.35 -15.30
CA LEU B 18 5.93 -17.42 -14.28
C LEU B 18 4.60 -17.30 -15.00
N ARG B 19 3.59 -17.97 -14.48
CA ARG B 19 2.26 -17.88 -15.07
C ARG B 19 1.26 -17.37 -14.03
N LEU B 20 0.45 -16.42 -14.45
CA LEU B 20 -0.60 -15.92 -13.60
C LEU B 20 -1.94 -16.48 -14.07
N SER B 21 -2.76 -16.89 -13.11
CA SER B 21 -4.11 -17.34 -13.37
C SER B 21 -5.08 -16.30 -12.84
N CYS B 22 -6.26 -16.23 -13.46
CA CYS B 22 -7.33 -15.34 -13.04
C CYS B 22 -8.69 -16.04 -13.23
N ALA B 23 -9.31 -16.43 -12.12
CA ALA B 23 -10.52 -17.25 -12.17
C ALA B 23 -11.79 -16.43 -11.99
N ALA B 24 -12.53 -16.25 -13.08
CA ALA B 24 -13.74 -15.44 -13.08
C ALA B 24 -14.96 -16.13 -12.48
N SER B 25 -15.78 -15.36 -11.75
CA SER B 25 -17.11 -15.77 -11.32
C SER B 25 -18.14 -14.76 -11.80
N GLY B 26 -19.34 -15.23 -12.08
CA GLY B 26 -20.47 -14.35 -12.36
C GLY B 26 -20.44 -13.69 -13.73
N PHE B 27 -19.54 -14.16 -14.60
CA PHE B 27 -19.58 -13.81 -16.02
C PHE B 27 -18.72 -14.81 -16.81
N THR B 28 -18.97 -14.89 -18.11
CA THR B 28 -18.24 -15.82 -18.95
C THR B 28 -17.00 -15.15 -19.49
N VAL B 29 -15.85 -15.77 -19.23
CA VAL B 29 -14.58 -15.33 -19.75
C VAL B 29 -14.58 -15.48 -21.27
N SER B 30 -15.16 -16.59 -21.74
CA SER B 30 -15.17 -16.97 -23.16
C SER B 30 -15.76 -15.91 -24.10
N SER B 31 -16.77 -15.19 -23.62
CA SER B 31 -17.49 -14.19 -24.42
C SER B 31 -17.22 -12.74 -23.98
N ASN B 32 -16.09 -12.52 -23.30
CA ASN B 32 -15.74 -11.19 -22.81
C ASN B 32 -14.33 -10.74 -23.20
N TYR B 33 -14.19 -9.44 -23.43
CA TYR B 33 -12.87 -8.84 -23.64
C TYR B 33 -12.11 -8.86 -22.31
N MET B 34 -10.82 -9.11 -22.36
CA MET B 34 -10.11 -9.41 -21.13
C MET B 34 -8.71 -8.83 -21.13
N SER B 35 -8.25 -8.37 -19.96
CA SER B 35 -7.01 -7.59 -19.89
C SER B 35 -6.10 -7.87 -18.68
N TRP B 36 -4.78 -7.83 -18.92
CA TRP B 36 -3.79 -7.72 -17.84
C TRP B 36 -3.19 -6.31 -17.78
N VAL B 37 -3.07 -5.79 -16.57
CA VAL B 37 -2.55 -4.46 -16.30
C VAL B 37 -1.59 -4.58 -15.11
N ARG B 38 -0.45 -3.91 -15.19
CA ARG B 38 0.52 -3.98 -14.10
C ARG B 38 0.91 -2.61 -13.52
N GLN B 39 1.41 -2.63 -12.29
CA GLN B 39 1.86 -1.42 -11.60
C GLN B 39 3.18 -1.66 -10.84
N ALA B 40 4.28 -1.19 -11.40
CA ALA B 40 5.57 -1.24 -10.69
C ALA B 40 5.43 -0.55 -9.32
N PRO B 41 6.18 -1.00 -8.29
CA PRO B 41 5.93 -0.49 -6.94
C PRO B 41 6.10 1.02 -6.87
N GLY B 42 5.09 1.70 -6.33
CA GLY B 42 5.07 3.16 -6.28
C GLY B 42 5.06 3.88 -7.63
N LYS B 43 4.60 3.21 -8.68
CA LYS B 43 4.50 3.84 -9.99
C LYS B 43 3.08 3.81 -10.56
N GLY B 44 2.90 4.23 -11.81
CA GLY B 44 1.57 4.26 -12.42
C GLY B 44 1.11 2.95 -13.04
N LEU B 45 -0.10 2.95 -13.58
CA LEU B 45 -0.70 1.78 -14.23
C LEU B 45 -0.17 1.62 -15.65
N GLU B 46 0.26 0.41 -15.99
CA GLU B 46 0.75 0.11 -17.34
C GLU B 46 0.03 -1.11 -17.93
N TRP B 47 -0.58 -0.90 -19.08
CA TRP B 47 -1.28 -1.96 -19.81
C TRP B 47 -0.29 -3.04 -20.27
N VAL B 48 -0.68 -4.31 -20.15
CA VAL B 48 0.17 -5.41 -20.58
C VAL B 48 -0.41 -6.05 -21.84
N SER B 49 -1.68 -6.42 -21.78
CA SER B 49 -2.25 -7.34 -22.75
C SER B 49 -3.77 -7.35 -22.80
N VAL B 50 -4.30 -7.52 -24.01
CA VAL B 50 -5.73 -7.74 -24.20
C VAL B 50 -5.99 -8.96 -25.08
N ILE B 51 -7.02 -9.72 -24.70
CA ILE B 51 -7.57 -10.77 -25.55
C ILE B 51 -9.04 -10.42 -25.83
N TYR B 52 -9.37 -10.35 -27.12
CA TYR B 52 -10.72 -10.07 -27.56
C TYR B 52 -11.53 -11.34 -27.38
N SER B 53 -12.84 -11.23 -27.22
CA SER B 53 -13.70 -12.39 -27.42
C SER B 53 -13.58 -12.73 -28.91
N GLY B 54 -13.43 -14.01 -29.22
CA GLY B 54 -13.11 -14.39 -30.60
C GLY B 54 -11.61 -14.46 -30.81
N GLY B 55 -10.87 -14.24 -29.73
CA GLY B 55 -9.48 -14.67 -29.62
C GLY B 55 -8.34 -13.84 -30.16
N SER B 56 -8.61 -12.65 -30.69
CA SER B 56 -7.51 -11.78 -31.08
C SER B 56 -6.77 -11.32 -29.82
N THR B 57 -5.44 -11.33 -29.87
CA THR B 57 -4.61 -10.92 -28.73
C THR B 57 -3.70 -9.76 -29.12
N TYR B 58 -3.60 -8.77 -28.24
CA TYR B 58 -2.68 -7.66 -28.45
C TYR B 58 -1.83 -7.42 -27.22
N TYR B 59 -0.59 -7.00 -27.44
CA TYR B 59 0.41 -6.88 -26.38
C TYR B 59 1.09 -5.52 -26.36
N ALA B 60 1.44 -5.08 -25.17
CA ALA B 60 2.29 -3.90 -25.00
C ALA B 60 3.66 -4.18 -25.62
N ASP B 61 4.31 -3.15 -26.14
CA ASP B 61 5.57 -3.31 -26.87
C ASP B 61 6.70 -3.91 -26.02
N SER B 62 6.61 -3.72 -24.71
CA SER B 62 7.65 -4.20 -23.79
C SER B 62 7.49 -5.67 -23.45
N VAL B 63 6.34 -6.25 -23.81
CA VAL B 63 6.09 -7.64 -23.49
C VAL B 63 5.97 -8.51 -24.72
N LYS B 64 5.68 -7.90 -25.87
CA LYS B 64 5.47 -8.63 -27.14
C LYS B 64 6.63 -9.58 -27.37
N GLY B 65 6.31 -10.86 -27.55
CA GLY B 65 7.31 -11.91 -27.82
C GLY B 65 7.83 -12.61 -26.57
N ARG B 66 7.42 -12.12 -25.40
CA ARG B 66 7.83 -12.66 -24.11
C ARG B 66 6.66 -13.22 -23.30
N PHE B 67 5.50 -12.57 -23.44
CA PHE B 67 4.30 -12.83 -22.63
C PHE B 67 3.17 -13.33 -23.53
N THR B 68 2.36 -14.25 -23.04
CA THR B 68 1.18 -14.70 -23.76
C THR B 68 -0.06 -14.61 -22.87
N ILE B 69 -1.10 -13.99 -23.43
CA ILE B 69 -2.42 -14.01 -22.79
C ILE B 69 -3.22 -15.14 -23.44
N SER B 70 -3.91 -15.91 -22.60
CA SER B 70 -4.77 -16.97 -23.09
C SER B 70 -5.92 -17.16 -22.08
N ARG B 71 -6.86 -18.04 -22.42
CA ARG B 71 -7.95 -18.39 -21.51
C ARG B 71 -8.33 -19.87 -21.67
N ASP B 72 -8.85 -20.45 -20.60
CA ASP B 72 -9.43 -21.78 -20.60
C ASP B 72 -10.92 -21.61 -20.34
N ASN B 73 -11.73 -21.73 -21.39
CA ASN B 73 -13.17 -21.55 -21.31
C ASN B 73 -13.88 -22.42 -20.27
N SER B 74 -13.41 -23.65 -20.12
CA SER B 74 -14.00 -24.65 -19.22
C SER B 74 -13.85 -24.27 -17.76
N LYS B 75 -12.69 -23.71 -17.44
CA LYS B 75 -12.35 -23.32 -16.08
C LYS B 75 -12.72 -21.86 -15.80
N ASN B 76 -13.25 -21.19 -16.84
CA ASN B 76 -13.61 -19.77 -16.77
C ASN B 76 -12.42 -18.94 -16.24
N THR B 77 -11.24 -19.20 -16.80
CA THR B 77 -10.00 -18.68 -16.26
C THR B 77 -9.17 -17.99 -17.34
N LEU B 78 -8.53 -16.88 -16.95
CA LEU B 78 -7.61 -16.14 -17.82
C LEU B 78 -6.17 -16.41 -17.38
N TYR B 79 -5.24 -16.43 -18.35
CA TYR B 79 -3.84 -16.71 -18.07
C TYR B 79 -2.90 -15.68 -18.66
N LEU B 80 -1.80 -15.39 -17.95
CA LEU B 80 -0.69 -14.64 -18.52
C LEU B 80 0.61 -15.41 -18.33
N GLN B 81 1.10 -16.02 -19.40
CA GLN B 81 2.35 -16.75 -19.36
C GLN B 81 3.46 -15.74 -19.58
N MET B 82 4.31 -15.54 -18.57
CA MET B 82 5.38 -14.55 -18.68
C MET B 82 6.73 -15.24 -18.82
N ASN B 83 7.62 -14.68 -19.64
CA ASN B 83 8.95 -15.25 -19.87
C ASN B 83 10.07 -14.22 -19.88
N SER B 84 11.31 -14.68 -19.76
CA SER B 84 12.51 -13.82 -19.81
C SER B 84 12.33 -12.62 -18.88
N LEU B 85 11.99 -12.90 -17.63
CA LEU B 85 11.60 -11.85 -16.70
C LEU B 85 12.80 -10.99 -16.26
N ARG B 86 12.55 -9.70 -16.05
CA ARG B 86 13.59 -8.77 -15.62
C ARG B 86 13.10 -7.92 -14.46
N ALA B 87 14.04 -7.26 -13.77
CA ALA B 87 13.69 -6.34 -12.69
C ALA B 87 12.57 -5.37 -13.11
N GLU B 88 12.67 -4.84 -14.32
CA GLU B 88 11.63 -3.98 -14.90
C GLU B 88 10.21 -4.58 -14.85
N ASP B 89 10.11 -5.91 -14.82
CA ASP B 89 8.82 -6.60 -14.85
C ASP B 89 8.23 -6.77 -13.47
N THR B 90 8.99 -6.41 -12.43
CA THR B 90 8.52 -6.46 -11.05
C THR B 90 7.33 -5.50 -10.88
N ALA B 91 6.18 -6.03 -10.48
CA ALA B 91 4.96 -5.23 -10.37
C ALA B 91 3.86 -6.06 -9.76
N VAL B 92 2.80 -5.39 -9.31
CA VAL B 92 1.53 -6.07 -9.02
C VAL B 92 0.79 -6.18 -10.34
N TYR B 93 0.41 -7.40 -10.71
CA TYR B 93 -0.31 -7.67 -11.96
C TYR B 93 -1.81 -7.83 -11.70
N TYR B 94 -2.61 -7.15 -12.51
CA TYR B 94 -4.07 -7.14 -12.38
C TYR B 94 -4.72 -7.71 -13.62
N CYS B 95 -5.69 -8.60 -13.45
CA CYS B 95 -6.62 -8.94 -14.56
C CYS B 95 -7.85 -8.08 -14.42
N ALA B 96 -8.39 -7.65 -15.56
CA ALA B 96 -9.60 -6.84 -15.57
C ALA B 96 -10.48 -7.15 -16.77
N ARG B 97 -11.79 -7.25 -16.50
CA ARG B 97 -12.77 -7.34 -17.56
C ARG B 97 -12.85 -6.02 -18.31
N TYR B 98 -12.58 -6.11 -19.60
CA TYR B 98 -12.69 -5.01 -20.55
C TYR B 98 -14.19 -4.89 -20.94
N ASP B 99 -14.55 -3.90 -21.73
CA ASP B 99 -15.96 -3.75 -22.12
C ASP B 99 -16.23 -4.23 -23.57
N GLY B 100 -15.25 -4.00 -24.45
CA GLY B 100 -15.35 -4.40 -25.86
C GLY B 100 -16.12 -3.39 -26.70
N ILE B 101 -16.56 -2.31 -26.04
CA ILE B 101 -17.34 -1.24 -26.66
C ILE B 101 -16.74 0.13 -26.27
N TYR B 102 -17.03 0.58 -25.05
CA TYR B 102 -16.44 1.81 -24.50
C TYR B 102 -15.05 1.58 -23.86
N GLY B 103 -14.50 0.37 -24.06
CA GLY B 103 -13.13 0.00 -23.68
C GLY B 103 -12.68 0.29 -22.25
N GLU B 104 -13.56 0.01 -21.29
CA GLU B 104 -13.38 0.38 -19.90
C GLU B 104 -13.10 -0.86 -19.06
N LEU B 105 -12.26 -0.69 -18.04
CA LEU B 105 -11.90 -1.80 -17.16
C LEU B 105 -12.78 -1.81 -15.91
N ASP B 106 -14.02 -2.29 -16.07
CA ASP B 106 -15.05 -2.20 -15.03
C ASP B 106 -14.92 -3.13 -13.84
N PHE B 107 -14.11 -4.17 -13.98
CA PHE B 107 -13.92 -5.09 -12.87
C PHE B 107 -12.50 -5.61 -12.82
N TRP B 108 -11.93 -5.63 -11.61
CA TRP B 108 -10.53 -5.91 -11.42
C TRP B 108 -10.32 -7.02 -10.42
N GLY B 109 -9.30 -7.84 -10.67
CA GLY B 109 -8.82 -8.79 -9.66
C GLY B 109 -8.02 -8.05 -8.58
N GLN B 110 -7.86 -8.71 -7.44
CA GLN B 110 -7.22 -8.11 -6.26
C GLN B 110 -5.73 -7.81 -6.47
N GLY B 111 -5.15 -8.41 -7.52
CA GLY B 111 -3.75 -8.24 -7.85
C GLY B 111 -2.87 -9.29 -7.20
N THR B 112 -1.72 -9.56 -7.81
CA THR B 112 -0.70 -10.40 -7.22
C THR B 112 0.68 -9.81 -7.53
N LEU B 113 1.58 -9.86 -6.54
CA LEU B 113 2.92 -9.26 -6.66
C LEU B 113 3.96 -10.23 -7.24
N VAL B 114 4.64 -9.77 -8.28
CA VAL B 114 5.70 -10.52 -8.94
C VAL B 114 7.05 -9.83 -8.68
N THR B 115 7.90 -10.46 -7.88
CA THR B 115 9.22 -9.92 -7.59
C THR B 115 10.30 -10.60 -8.42
N VAL B 116 10.93 -9.85 -9.32
CA VAL B 116 12.01 -10.40 -10.14
C VAL B 116 13.36 -10.11 -9.48
N SER B 117 13.94 -11.13 -8.84
CA SER B 117 15.18 -10.97 -8.07
C SER B 117 15.96 -12.27 -7.90
N SER B 118 17.29 -12.16 -7.93
CA SER B 118 18.17 -13.30 -7.66
C SER B 118 18.40 -13.52 -6.17
N ALA B 119 17.95 -12.56 -5.34
CA ALA B 119 18.10 -12.66 -3.90
C ALA B 119 17.28 -13.82 -3.33
N SER B 120 17.78 -14.40 -2.25
CA SER B 120 17.16 -15.56 -1.64
C SER B 120 15.98 -15.18 -0.75
N THR B 121 14.99 -16.08 -0.68
CA THR B 121 13.88 -15.98 0.25
C THR B 121 14.37 -16.06 1.69
N LYS B 122 13.88 -15.17 2.54
CA LYS B 122 14.23 -15.17 3.97
C LYS B 122 13.02 -14.86 4.83
N GLY B 123 12.75 -15.71 5.82
CA GLY B 123 11.60 -15.57 6.70
C GLY B 123 11.81 -14.54 7.81
N PRO B 124 10.72 -13.90 8.25
CA PRO B 124 10.79 -12.81 9.22
C PRO B 124 11.07 -13.25 10.67
N SER B 125 11.82 -12.42 11.39
CA SER B 125 11.94 -12.54 12.85
C SER B 125 10.87 -11.65 13.50
N VAL B 126 10.19 -12.18 14.50
CA VAL B 126 9.05 -11.49 15.11
C VAL B 126 9.26 -11.21 16.59
N PHE B 127 9.52 -9.94 16.92
CA PHE B 127 9.73 -9.49 18.30
C PHE B 127 8.56 -8.66 18.85
N PRO B 128 8.29 -8.75 20.17
CA PRO B 128 7.18 -7.99 20.73
C PRO B 128 7.52 -6.52 21.01
N LEU B 129 6.53 -5.65 20.87
CA LEU B 129 6.62 -4.28 21.34
C LEU B 129 5.70 -4.18 22.57
N ALA B 130 6.32 -4.36 23.73
CA ALA B 130 5.61 -4.51 25.00
C ALA B 130 5.05 -3.18 25.53
N PRO B 131 3.75 -3.20 25.91
CA PRO B 131 3.11 -2.01 26.49
C PRO B 131 3.67 -1.72 27.88
N SER B 132 3.74 -0.43 28.23
CA SER B 132 4.31 0.01 29.50
C SER B 132 3.72 1.35 29.88
N SER B 133 4.33 2.02 30.86
CA SER B 133 3.94 3.39 31.21
C SER B 133 4.37 4.38 30.11
N LYS B 134 5.42 4.02 29.38
CA LYS B 134 5.93 4.81 28.25
C LYS B 134 5.08 4.61 26.97
N SER B 135 4.00 3.84 27.10
CA SER B 135 3.11 3.49 26.00
C SER B 135 1.65 3.84 26.33
N THR B 136 1.41 4.30 27.56
CA THR B 136 0.07 4.59 28.08
C THR B 136 -0.30 6.06 27.91
N SER B 137 -1.53 6.30 27.47
CA SER B 137 -2.12 7.64 27.46
C SER B 137 -3.51 7.62 28.07
N GLY B 138 -3.56 7.49 29.40
CA GLY B 138 -4.80 7.60 30.16
C GLY B 138 -5.93 6.71 29.70
N GLY B 139 -5.96 5.51 30.27
CA GLY B 139 -7.00 4.53 29.93
C GLY B 139 -6.75 3.87 28.59
N THR B 140 -5.61 4.19 27.98
CA THR B 140 -5.25 3.74 26.63
C THR B 140 -3.77 3.45 26.53
N ALA B 141 -3.43 2.30 25.95
CA ALA B 141 -2.05 1.84 25.85
C ALA B 141 -1.80 1.21 24.49
N ALA B 142 -0.56 1.34 24.01
CA ALA B 142 -0.18 0.77 22.72
C ALA B 142 0.83 -0.36 22.86
N LEU B 143 0.66 -1.39 22.03
CA LEU B 143 1.50 -2.58 22.03
C LEU B 143 1.61 -3.07 20.60
N GLY B 144 2.69 -3.77 20.24
CA GLY B 144 2.89 -4.17 18.85
C GLY B 144 3.84 -5.31 18.59
N CYS B 145 4.18 -5.51 17.32
CA CYS B 145 5.12 -6.56 16.89
C CYS B 145 6.09 -6.03 15.83
N LEU B 146 7.38 -6.12 16.12
CA LEU B 146 8.38 -5.76 15.13
C LEU B 146 8.66 -6.98 14.26
N VAL B 147 8.41 -6.84 12.96
CA VAL B 147 8.59 -7.92 11.99
C VAL B 147 9.80 -7.59 11.13
N LYS B 148 10.91 -8.25 11.44
CA LYS B 148 12.23 -7.81 10.99
C LYS B 148 12.84 -8.79 10.02
N ASP B 149 13.68 -8.26 9.13
CA ASP B 149 14.60 -9.04 8.29
C ASP B 149 13.95 -10.15 7.47
N TYR B 150 13.20 -9.76 6.43
CA TYR B 150 12.51 -10.71 5.56
C TYR B 150 12.58 -10.27 4.10
N PHE B 151 12.40 -11.24 3.20
CA PHE B 151 12.40 -11.00 1.75
C PHE B 151 11.66 -12.16 1.09
N PRO B 152 10.86 -11.86 0.05
CA PRO B 152 10.53 -10.50 -0.37
C PRO B 152 9.23 -10.03 0.26
N GLU B 153 8.70 -8.92 -0.24
CA GLU B 153 7.36 -8.46 0.12
C GLU B 153 6.35 -9.51 -0.34
N PRO B 154 5.14 -9.54 0.27
CA PRO B 154 4.65 -8.80 1.43
C PRO B 154 4.54 -9.68 2.67
N VAL B 155 4.19 -9.07 3.79
CA VAL B 155 3.75 -9.80 4.98
C VAL B 155 2.33 -9.38 5.36
N THR B 156 1.55 -10.31 5.90
CA THR B 156 0.25 -9.97 6.46
C THR B 156 0.29 -10.13 7.99
N VAL B 157 -0.22 -9.11 8.68
CA VAL B 157 -0.29 -9.14 10.13
C VAL B 157 -1.76 -9.03 10.54
N SER B 158 -2.15 -9.81 11.53
CA SER B 158 -3.45 -9.68 12.16
C SER B 158 -3.27 -9.76 13.67
N TRP B 159 -4.29 -9.34 14.40
CA TRP B 159 -4.22 -9.31 15.86
C TRP B 159 -5.33 -10.17 16.44
N ASN B 160 -4.95 -11.14 17.27
CA ASN B 160 -5.88 -12.12 17.83
C ASN B 160 -6.64 -12.87 16.73
N SER B 161 -5.90 -13.39 15.76
CA SER B 161 -6.45 -14.12 14.60
C SER B 161 -7.67 -13.41 14.00
N GLY B 162 -7.48 -12.15 13.63
CA GLY B 162 -8.51 -11.34 12.99
C GLY B 162 -9.66 -10.88 13.88
N ALA B 163 -9.55 -11.15 15.19
CA ALA B 163 -10.59 -10.75 16.15
C ALA B 163 -10.44 -9.29 16.63
N LEU B 164 -9.20 -8.79 16.63
CA LEU B 164 -8.91 -7.39 16.97
C LEU B 164 -8.57 -6.59 15.71
N THR B 165 -9.50 -5.75 15.29
CA THR B 165 -9.37 -4.98 14.05
C THR B 165 -9.33 -3.49 14.34
N SER B 166 -9.88 -3.13 15.49
CA SER B 166 -9.98 -1.74 15.93
C SER B 166 -8.63 -1.17 16.42
N GLY B 167 -8.23 -0.02 15.85
CA GLY B 167 -7.05 0.73 16.28
C GLY B 167 -5.71 0.11 15.92
N VAL B 168 -5.70 -0.68 14.85
CA VAL B 168 -4.47 -1.31 14.35
C VAL B 168 -3.79 -0.43 13.31
N HIS B 169 -2.48 -0.23 13.47
CA HIS B 169 -1.66 0.42 12.46
C HIS B 169 -0.57 -0.56 12.06
N THR B 170 -0.68 -1.08 10.84
CA THR B 170 0.38 -1.88 10.27
C THR B 170 1.10 -1.00 9.26
N PHE B 171 2.39 -0.77 9.51
CA PHE B 171 3.17 0.19 8.76
C PHE B 171 3.71 -0.37 7.44
N PRO B 172 3.72 0.47 6.39
CA PRO B 172 4.43 0.05 5.19
C PRO B 172 5.85 -0.42 5.54
N ALA B 173 6.34 -1.39 4.79
CA ALA B 173 7.65 -1.97 5.03
C ALA B 173 8.73 -1.00 4.56
N VAL B 174 9.89 -1.03 5.24
CA VAL B 174 11.06 -0.30 4.75
C VAL B 174 12.17 -1.25 4.30
N LEU B 175 12.88 -0.84 3.26
CA LEU B 175 14.01 -1.61 2.77
C LEU B 175 15.27 -1.18 3.51
N GLN B 176 15.81 -2.10 4.32
CA GLN B 176 17.03 -1.86 5.09
C GLN B 176 18.28 -1.81 4.20
N SER B 177 19.40 -1.37 4.78
CA SER B 177 20.69 -1.40 4.08
C SER B 177 21.14 -2.84 3.77
N SER B 178 20.57 -3.81 4.49
CA SER B 178 20.90 -5.22 4.30
C SER B 178 20.16 -5.87 3.11
N GLY B 179 19.26 -5.14 2.48
CA GLY B 179 18.47 -5.64 1.36
C GLY B 179 17.28 -6.47 1.80
N LEU B 180 16.93 -6.34 3.07
CA LEU B 180 15.82 -7.05 3.70
C LEU B 180 14.80 -6.06 4.22
N TYR B 181 13.54 -6.48 4.28
CA TYR B 181 12.47 -5.60 4.72
C TYR B 181 12.21 -5.71 6.23
N SER B 182 11.64 -4.64 6.77
CA SER B 182 11.26 -4.55 8.19
C SER B 182 9.99 -3.71 8.34
N LEU B 183 9.11 -4.11 9.25
CA LEU B 183 7.91 -3.34 9.55
C LEU B 183 7.38 -3.59 10.98
N SER B 184 6.52 -2.69 11.46
CA SER B 184 5.91 -2.84 12.76
C SER B 184 4.40 -2.79 12.66
N SER B 185 3.74 -3.53 13.53
CA SER B 185 2.31 -3.49 13.63
C SER B 185 1.94 -3.17 15.08
N VAL B 186 1.40 -1.98 15.30
CA VAL B 186 1.01 -1.54 16.62
C VAL B 186 -0.50 -1.46 16.72
N VAL B 187 -1.02 -1.66 17.93
CA VAL B 187 -2.44 -1.50 18.21
C VAL B 187 -2.61 -0.80 19.55
N THR B 188 -3.52 0.17 19.61
CA THR B 188 -3.85 0.83 20.88
C THR B 188 -5.13 0.22 21.49
N VAL B 189 -4.98 -0.28 22.71
CA VAL B 189 -6.05 -0.96 23.43
C VAL B 189 -6.37 -0.17 24.71
N PRO B 190 -7.48 -0.48 25.40
CA PRO B 190 -7.68 0.15 26.71
C PRO B 190 -6.66 -0.38 27.72
N SER B 191 -6.09 0.51 28.52
CA SER B 191 -5.05 0.13 29.47
C SER B 191 -5.58 -0.74 30.62
N SER B 192 -6.86 -0.59 30.93
CA SER B 192 -7.50 -1.40 31.97
C SER B 192 -7.62 -2.88 31.58
N SER B 193 -7.45 -3.17 30.29
CA SER B 193 -7.57 -4.53 29.76
C SER B 193 -6.23 -5.25 29.74
N LEU B 194 -5.16 -4.54 30.07
CA LEU B 194 -3.80 -5.08 29.93
C LEU B 194 -3.48 -6.35 30.72
N GLY B 195 -4.21 -6.58 31.82
CA GLY B 195 -3.98 -7.75 32.66
C GLY B 195 -5.05 -8.82 32.57
N THR B 196 -6.13 -8.53 31.87
CA THR B 196 -7.24 -9.47 31.71
C THR B 196 -7.37 -10.02 30.28
N GLN B 197 -6.71 -9.34 29.33
CA GLN B 197 -6.83 -9.69 27.90
C GLN B 197 -5.49 -10.09 27.28
N THR B 198 -5.52 -11.11 26.43
CA THR B 198 -4.31 -11.63 25.80
C THR B 198 -4.16 -11.08 24.38
N TYR B 199 -2.96 -10.59 24.07
CA TYR B 199 -2.70 -10.00 22.77
C TYR B 199 -1.63 -10.75 21.99
N ILE B 200 -2.05 -11.32 20.87
CA ILE B 200 -1.16 -12.06 19.98
C ILE B 200 -1.23 -11.43 18.58
N CYS B 201 -0.06 -11.20 17.99
CA CYS B 201 0.00 -10.85 16.59
C CYS B 201 0.27 -12.09 15.74
N ASN B 202 -0.37 -12.14 14.58
CA ASN B 202 -0.29 -13.31 13.71
C ASN B 202 0.40 -12.98 12.38
N VAL B 203 1.73 -13.05 12.39
CA VAL B 203 2.55 -12.69 11.24
C VAL B 203 2.58 -13.84 10.22
N ASN B 204 2.35 -13.50 8.96
CA ASN B 204 2.37 -14.47 7.86
C ASN B 204 3.18 -13.95 6.68
N HIS B 205 4.13 -14.76 6.22
CA HIS B 205 5.00 -14.42 5.09
C HIS B 205 5.02 -15.59 4.15
N LYS B 206 4.19 -15.52 3.11
CA LYS B 206 3.92 -16.67 2.21
C LYS B 206 5.07 -17.14 1.31
N PRO B 207 5.95 -16.23 0.83
CA PRO B 207 7.03 -16.72 -0.06
C PRO B 207 8.05 -17.64 0.64
N SER B 208 8.12 -17.56 1.98
CA SER B 208 9.01 -18.41 2.76
C SER B 208 8.25 -19.42 3.63
N ASN B 209 6.93 -19.44 3.48
CA ASN B 209 6.05 -20.35 4.21
C ASN B 209 6.11 -20.28 5.76
N THR B 210 6.58 -19.14 6.27
CA THR B 210 6.66 -18.93 7.72
C THR B 210 5.32 -18.47 8.26
N LYS B 211 4.99 -18.93 9.46
CA LYS B 211 3.79 -18.49 10.17
C LYS B 211 4.12 -18.37 11.65
N VAL B 212 4.33 -17.13 12.12
CA VAL B 212 4.68 -16.87 13.52
C VAL B 212 3.56 -16.15 14.28
N ASP B 213 3.05 -16.82 15.33
CA ASP B 213 2.17 -16.18 16.31
C ASP B 213 3.02 -15.79 17.51
N LYS B 214 2.96 -14.52 17.92
CA LYS B 214 3.77 -14.02 19.03
C LYS B 214 2.95 -13.33 20.12
N LYS B 215 3.18 -13.73 21.37
CA LYS B 215 2.44 -13.24 22.51
C LYS B 215 3.06 -11.93 23.03
N VAL B 216 2.23 -10.90 23.18
CA VAL B 216 2.70 -9.60 23.69
C VAL B 216 2.06 -9.27 25.03
N GLU B 217 2.91 -9.02 26.02
CA GLU B 217 2.48 -8.81 27.39
C GLU B 217 3.38 -7.81 28.12
N PRO B 218 2.83 -7.11 29.15
CA PRO B 218 3.50 -6.00 29.84
C PRO B 218 4.82 -6.37 30.54
N LYS B 219 5.73 -5.40 30.59
CA LYS B 219 7.02 -5.56 31.29
C LYS B 219 7.37 -4.30 32.11
S SO4 C . 17.46 -6.55 -15.38
O1 SO4 C . 16.25 -5.72 -15.36
O2 SO4 C . 18.58 -5.66 -15.69
O3 SO4 C . 17.39 -7.60 -16.37
O4 SO4 C . 17.63 -7.23 -14.10
C1 GOL D . 3.12 0.47 -25.46
O1 GOL D . 3.12 -0.50 -26.49
C2 GOL D . 2.83 -0.15 -24.10
O2 GOL D . 4.00 -0.31 -23.31
C3 GOL D . 1.76 0.65 -23.35
O3 GOL D . 1.36 -0.01 -22.17
#